data_6FO9
#
_entry.id   6FO9
#
_cell.length_a   66.010
_cell.length_b   66.010
_cell.length_c   264.460
_cell.angle_alpha   90.00
_cell.angle_beta   90.00
_cell.angle_gamma   120.00
#
_symmetry.space_group_name_H-M   'P 65 2 2'
#
loop_
_entity.id
_entity.type
_entity.pdbx_description
1 polymer 'Vitamin D3 receptor A'
2 polymer 'Nuclear receptor coactivator 1'
3 non-polymer (1~{R},3~{S},5~{Z})-4-methylidene-5-[(~{E})-3-[3-(6-methyl-6-oxidanyl-heptyl)phenyl]hex-2-enylidene]cyclohexane-1,3-diol
4 water water
#
loop_
_entity_poly.entity_id
_entity_poly.type
_entity_poly.pdbx_seq_one_letter_code
_entity_poly.pdbx_strand_id
1 'polypeptide(L)'
;HMLSDEQMQIINSLVEAHHKTYDDSYSDFVRFRPPVREGPVTRSASRAASLHSLSDASSDSFNHSPESVDTKLNFSNLLM
MYQDSGSPDSSEEDQQSRLSMLPHLADLVSYSIQKVIGFAKMIPGFRDLTAEDQIALLKSSAIEIIMLRSNQSFSLEDMS
WSCGGPDFKYCINDVTKAGHTLELLEPLVKFQVGLKKLKLHEEEHVLLMAICLLSPDRPGVQDHVRIEALQDRLCDVLQA
YIRIQHPGGRLLYAKMIQKLADLRSLNEEHSKQYRSLSFQPEHSMQLTPLVLEVFGSEVS
;
A
2 'polypeptide(L)' RHKILHRLLQEGSPS B
#
# COMPACT_ATOMS: atom_id res chain seq x y z
N HIS A 1 7.31 22.64 -21.86
CA HIS A 1 8.17 21.51 -22.18
C HIS A 1 7.41 20.18 -22.06
N MET A 2 8.11 19.07 -22.22
CA MET A 2 7.47 17.76 -22.26
C MET A 2 8.31 16.64 -21.64
N LEU A 3 7.72 15.45 -21.53
CA LEU A 3 8.37 14.29 -20.94
C LEU A 3 9.29 13.58 -21.92
N SER A 4 10.34 12.96 -21.39
CA SER A 4 11.29 12.21 -22.21
C SER A 4 10.80 10.79 -22.40
N ASP A 5 11.43 10.08 -23.33
CA ASP A 5 11.07 8.70 -23.57
C ASP A 5 11.21 7.92 -22.27
N GLU A 6 12.36 7.99 -21.62
CA GLU A 6 12.62 7.21 -20.41
C GLU A 6 11.59 7.43 -19.30
N GLN A 7 11.18 8.67 -19.09
CA GLN A 7 10.14 8.98 -18.11
C GLN A 7 8.82 8.38 -18.57
N MET A 8 8.67 8.25 -19.87
CA MET A 8 7.44 7.76 -20.45
C MET A 8 7.30 6.27 -20.22
N GLN A 9 8.41 5.51 -20.20
CA GLN A 9 8.29 4.06 -20.32
C GLN A 9 8.27 3.61 -18.87
N ILE A 10 8.77 4.47 -17.97
CA ILE A 10 8.66 4.28 -16.53
C ILE A 10 7.20 4.39 -16.14
N ILE A 11 6.51 5.37 -16.70
CA ILE A 11 5.07 5.52 -16.47
C ILE A 11 4.30 4.31 -17.03
N ASN A 12 4.64 3.94 -18.25
CA ASN A 12 3.98 2.84 -18.94
C ASN A 12 4.05 1.51 -18.19
N SER A 13 5.26 1.14 -17.79
CA SER A 13 5.48 -0.14 -17.12
C SER A 13 4.92 -0.13 -15.69
N LEU A 14 4.77 1.06 -15.12
CA LEU A 14 4.19 1.18 -13.79
C LEU A 14 2.68 1.01 -13.83
N VAL A 15 2.03 1.71 -14.77
CA VAL A 15 0.58 1.60 -14.95
C VAL A 15 0.20 0.18 -15.32
N GLU A 16 1.00 -0.45 -16.17
CA GLU A 16 0.78 -1.83 -16.58
C GLU A 16 0.88 -2.77 -15.38
N ALA A 17 1.79 -2.46 -14.47
CA ALA A 17 2.02 -3.29 -13.29
C ALA A 17 0.85 -3.22 -12.31
N HIS A 18 0.26 -2.03 -12.18
CA HIS A 18 -0.88 -1.85 -11.29
C HIS A 18 -2.10 -2.59 -11.83
N HIS A 19 -2.23 -2.60 -13.16
CA HIS A 19 -3.33 -3.30 -13.81
C HIS A 19 -3.22 -4.80 -13.65
N LYS A 20 -1.98 -5.30 -13.63
CA LYS A 20 -1.73 -6.73 -13.51
C LYS A 20 -1.91 -7.22 -12.08
N THR A 21 -1.93 -6.30 -11.11
CA THR A 21 -1.98 -6.68 -9.70
C THR A 21 -3.14 -6.07 -8.94
N TYR A 22 -4.07 -5.44 -9.65
CA TYR A 22 -5.28 -4.91 -9.00
C TYR A 22 -6.52 -5.27 -9.80
N ASP A 23 -7.40 -6.05 -9.18
CA ASP A 23 -8.63 -6.51 -9.83
C ASP A 23 -9.82 -5.66 -9.38
N ASP A 24 -10.32 -4.84 -10.29
CA ASP A 24 -11.43 -3.93 -9.99
C ASP A 24 -12.77 -4.65 -9.74
N SER A 25 -12.82 -5.95 -10.06
CA SER A 25 -14.03 -6.73 -9.81
C SER A 25 -14.01 -7.36 -8.42
N TYR A 26 -12.80 -7.43 -7.84
CA TYR A 26 -12.59 -7.99 -6.51
C TYR A 26 -13.17 -9.40 -6.42
N SER A 27 -12.95 -10.20 -7.46
CA SER A 27 -13.58 -11.50 -7.58
C SER A 27 -12.90 -12.58 -6.75
N ASP A 28 -11.69 -12.31 -6.29
CA ASP A 28 -10.93 -13.27 -5.49
C ASP A 28 -11.34 -13.23 -4.02
N PHE A 29 -12.22 -12.30 -3.67
CA PHE A 29 -12.60 -12.10 -2.27
C PHE A 29 -13.47 -13.25 -1.74
N VAL A 30 -14.13 -13.96 -2.64
CA VAL A 30 -14.95 -15.10 -2.24
C VAL A 30 -14.06 -16.26 -1.76
N ARG A 31 -12.77 -16.18 -2.07
CA ARG A 31 -11.82 -17.21 -1.67
C ARG A 31 -11.32 -17.01 -0.24
N PHE A 32 -11.59 -15.83 0.32
CA PHE A 32 -11.18 -15.54 1.69
C PHE A 32 -12.13 -16.20 2.68
N ARG A 33 -11.68 -16.35 3.92
CA ARG A 33 -12.59 -16.68 5.01
C ARG A 33 -13.64 -15.58 5.07
N PRO A 34 -14.92 -15.97 5.01
CA PRO A 34 -16.02 -15.00 4.91
C PRO A 34 -16.07 -14.03 6.08
N PRO A 35 -16.55 -12.80 5.82
CA PRO A 35 -16.69 -11.78 6.87
C PRO A 35 -17.80 -12.13 7.85
N VAL A 36 -17.61 -11.75 9.11
CA VAL A 36 -18.62 -11.98 10.13
C VAL A 36 -18.90 -10.69 10.91
N ARG A 37 -20.15 -10.25 10.91
CA ARG A 37 -20.53 -9.02 11.59
C ARG A 37 -21.63 -9.28 12.61
N ARG A 98 -16.05 -12.11 19.35
CA ARG A 98 -14.93 -11.20 19.53
C ARG A 98 -13.98 -11.26 18.34
N LEU A 99 -13.73 -10.11 17.73
CA LEU A 99 -12.87 -9.99 16.55
C LEU A 99 -13.34 -10.91 15.43
N SER A 100 -14.63 -10.82 15.12
CA SER A 100 -15.26 -11.68 14.12
C SER A 100 -14.74 -11.41 12.71
N MET A 101 -14.31 -10.17 12.47
CA MET A 101 -13.88 -9.75 11.14
C MET A 101 -12.39 -10.00 10.87
N LEU A 102 -11.67 -10.41 11.91
CA LEU A 102 -10.23 -10.62 11.79
C LEU A 102 -9.83 -11.66 10.73
N PRO A 103 -10.49 -12.85 10.70
CA PRO A 103 -10.10 -13.81 9.66
C PRO A 103 -10.23 -13.27 8.22
N HIS A 104 -11.30 -12.55 7.93
CA HIS A 104 -11.52 -12.03 6.58
C HIS A 104 -10.52 -10.94 6.23
N LEU A 105 -10.32 -10.00 7.15
CA LEU A 105 -9.43 -8.87 6.89
C LEU A 105 -7.96 -9.31 6.89
N ALA A 106 -7.67 -10.40 7.60
CA ALA A 106 -6.33 -10.97 7.56
C ALA A 106 -6.09 -11.62 6.21
N ASP A 107 -7.10 -12.33 5.72
CA ASP A 107 -7.02 -12.96 4.40
C ASP A 107 -6.95 -11.87 3.33
N LEU A 108 -7.70 -10.80 3.53
CA LEU A 108 -7.71 -9.68 2.60
C LEU A 108 -6.34 -9.01 2.50
N VAL A 109 -5.74 -8.73 3.66
CA VAL A 109 -4.45 -8.06 3.70
C VAL A 109 -3.34 -8.95 3.15
N SER A 110 -3.36 -10.23 3.52
CA SER A 110 -2.37 -11.19 3.03
C SER A 110 -2.38 -11.24 1.51
N TYR A 111 -3.58 -11.38 0.94
CA TYR A 111 -3.80 -11.31 -0.50
C TYR A 111 -3.20 -10.05 -1.08
N SER A 112 -3.40 -8.93 -0.37
CA SER A 112 -2.92 -7.64 -0.83
C SER A 112 -1.39 -7.55 -0.77
N ILE A 113 -0.79 -8.15 0.25
CA ILE A 113 0.67 -8.20 0.36
C ILE A 113 1.25 -8.85 -0.90
N GLN A 114 0.65 -9.96 -1.31
CA GLN A 114 1.07 -10.68 -2.51
C GLN A 114 1.02 -9.79 -3.74
N LYS A 115 -0.05 -9.01 -3.84
CA LYS A 115 -0.23 -8.11 -4.98
C LYS A 115 0.78 -6.98 -4.97
N VAL A 116 1.15 -6.54 -3.77
CA VAL A 116 2.12 -5.46 -3.61
C VAL A 116 3.51 -5.93 -4.04
N ILE A 117 3.82 -7.20 -3.75
CA ILE A 117 5.09 -7.78 -4.17
C ILE A 117 5.16 -7.86 -5.69
N GLY A 118 4.05 -8.25 -6.31
CA GLY A 118 3.97 -8.29 -7.76
C GLY A 118 4.23 -6.93 -8.38
N PHE A 119 3.59 -5.90 -7.83
CA PHE A 119 3.78 -4.53 -8.28
C PHE A 119 5.23 -4.08 -8.12
N ALA A 120 5.79 -4.31 -6.93
CA ALA A 120 7.15 -3.91 -6.62
C ALA A 120 8.16 -4.55 -7.55
N LYS A 121 7.94 -5.81 -7.91
CA LYS A 121 8.84 -6.55 -8.79
C LYS A 121 8.91 -5.92 -10.18
N MET A 122 7.93 -5.09 -10.51
CA MET A 122 7.86 -4.48 -11.83
C MET A 122 8.25 -3.00 -11.81
N ILE A 123 8.44 -2.44 -10.62
CA ILE A 123 8.99 -1.10 -10.48
C ILE A 123 10.41 -1.11 -11.03
N PRO A 124 10.68 -0.28 -12.05
CA PRO A 124 11.99 -0.25 -12.69
C PRO A 124 13.13 0.07 -11.72
N GLY A 125 13.98 -0.92 -11.45
CA GLY A 125 15.10 -0.72 -10.55
C GLY A 125 15.02 -1.59 -9.31
N PHE A 126 13.81 -1.90 -8.88
CA PHE A 126 13.58 -2.68 -7.67
C PHE A 126 14.21 -4.07 -7.75
N ARG A 127 14.06 -4.70 -8.90
CA ARG A 127 14.55 -6.06 -9.11
C ARG A 127 16.07 -6.14 -9.02
N ASP A 128 16.73 -5.03 -9.29
CA ASP A 128 18.19 -4.98 -9.31
C ASP A 128 18.79 -4.82 -7.91
N LEU A 129 17.95 -4.43 -6.96
CA LEU A 129 18.38 -4.31 -5.57
C LEU A 129 18.70 -5.68 -5.00
N THR A 130 19.41 -5.70 -3.88
CA THR A 130 19.67 -6.95 -3.17
C THR A 130 18.36 -7.49 -2.61
N ALA A 131 18.28 -8.80 -2.40
CA ALA A 131 17.09 -9.42 -1.86
C ALA A 131 16.77 -8.86 -0.47
N GLU A 132 17.82 -8.55 0.28
CA GLU A 132 17.69 -8.01 1.63
C GLU A 132 16.98 -6.66 1.59
N ASP A 133 17.48 -5.75 0.76
CA ASP A 133 16.88 -4.43 0.63
C ASP A 133 15.46 -4.53 0.07
N GLN A 134 15.24 -5.48 -0.84
CA GLN A 134 13.91 -5.71 -1.38
C GLN A 134 12.94 -6.08 -0.27
N ILE A 135 13.38 -6.94 0.63
CA ILE A 135 12.57 -7.34 1.77
C ILE A 135 12.37 -6.17 2.74
N ALA A 136 13.46 -5.49 3.07
CA ALA A 136 13.44 -4.39 4.03
C ALA A 136 12.50 -3.27 3.59
N LEU A 137 12.48 -2.99 2.29
CA LEU A 137 11.56 -2.00 1.74
C LEU A 137 10.14 -2.52 1.77
N LEU A 138 9.97 -3.79 1.41
CA LEU A 138 8.66 -4.41 1.36
C LEU A 138 8.03 -4.54 2.75
N LYS A 139 8.84 -4.91 3.73
CA LYS A 139 8.35 -5.09 5.10
C LYS A 139 7.86 -3.79 5.71
N SER A 140 8.64 -2.73 5.54
CA SER A 140 8.35 -1.44 6.18
C SER A 140 7.23 -0.68 5.48
N SER A 141 7.14 -0.82 4.16
CA SER A 141 6.22 0.01 3.37
C SER A 141 4.89 -0.66 3.06
N ALA A 142 4.84 -1.99 3.21
CA ALA A 142 3.67 -2.79 2.82
C ALA A 142 2.34 -2.14 3.19
N ILE A 143 2.12 -1.96 4.49
CA ILE A 143 0.85 -1.45 4.99
C ILE A 143 0.50 -0.08 4.42
N GLU A 144 1.50 0.68 4.01
CA GLU A 144 1.27 2.00 3.43
C GLU A 144 0.84 1.86 1.97
N ILE A 145 1.40 0.87 1.28
CA ILE A 145 1.00 0.56 -0.09
C ILE A 145 -0.42 0.02 -0.08
N ILE A 146 -0.74 -0.77 0.93
CA ILE A 146 -2.10 -1.28 1.12
C ILE A 146 -3.05 -0.11 1.29
N MET A 147 -2.70 0.82 2.17
CA MET A 147 -3.52 2.00 2.42
C MET A 147 -3.65 2.85 1.17
N LEU A 148 -2.56 2.93 0.41
CA LEU A 148 -2.54 3.72 -0.82
C LEU A 148 -3.42 3.09 -1.90
N ARG A 149 -3.27 1.78 -2.10
CA ARG A 149 -4.01 1.10 -3.16
C ARG A 149 -5.49 0.98 -2.82
N SER A 150 -5.80 0.96 -1.53
CA SER A 150 -7.17 0.78 -1.07
C SER A 150 -8.06 1.99 -1.33
N ASN A 151 -7.44 3.10 -1.74
CA ASN A 151 -8.20 4.30 -2.06
C ASN A 151 -9.10 4.10 -3.27
N GLN A 152 -8.72 3.15 -4.11
CA GLN A 152 -9.44 2.85 -5.35
C GLN A 152 -10.85 2.31 -5.07
N SER A 153 -11.04 1.72 -3.89
CA SER A 153 -12.33 1.16 -3.52
C SER A 153 -13.06 2.03 -2.51
N PHE A 154 -12.38 3.05 -2.01
CA PHE A 154 -12.96 3.95 -1.02
C PHE A 154 -13.97 4.89 -1.67
N SER A 155 -15.11 5.06 -1.02
CA SER A 155 -16.16 5.94 -1.52
C SER A 155 -16.44 7.08 -0.55
N LEU A 156 -16.49 8.30 -1.07
CA LEU A 156 -16.76 9.48 -0.26
C LEU A 156 -18.23 9.50 0.17
N GLU A 157 -19.07 8.80 -0.57
CA GLU A 157 -20.51 8.81 -0.35
C GLU A 157 -20.91 8.13 0.96
N ASP A 158 -20.26 7.01 1.28
CA ASP A 158 -20.60 6.26 2.48
C ASP A 158 -19.39 6.04 3.38
N MET A 159 -18.29 6.73 3.08
CA MET A 159 -17.06 6.66 3.88
C MET A 159 -16.60 5.23 4.12
N SER A 160 -16.67 4.41 3.08
CA SER A 160 -16.34 3.00 3.21
C SER A 160 -15.60 2.45 2.00
N TRP A 161 -15.09 1.23 2.14
CA TRP A 161 -14.46 0.52 1.03
C TRP A 161 -15.46 -0.45 0.41
N SER A 162 -15.90 -0.17 -0.81
CA SER A 162 -16.85 -1.03 -1.51
C SER A 162 -16.14 -1.97 -2.47
N CYS A 163 -16.22 -3.28 -2.22
CA CYS A 163 -15.42 -4.24 -2.96
C CYS A 163 -16.21 -5.39 -3.59
N GLY A 164 -17.30 -5.08 -4.29
CA GLY A 164 -18.02 -6.10 -5.04
C GLY A 164 -19.49 -6.21 -4.73
N GLY A 165 -19.82 -6.38 -3.46
CA GLY A 165 -21.21 -6.46 -3.04
C GLY A 165 -21.35 -5.96 -1.61
N PRO A 166 -22.44 -6.32 -0.93
CA PRO A 166 -22.62 -5.85 0.44
C PRO A 166 -21.78 -6.63 1.46
N ASP A 167 -21.42 -7.87 1.14
CA ASP A 167 -20.53 -8.63 2.01
C ASP A 167 -19.16 -7.97 2.09
N PHE A 168 -18.72 -7.43 0.97
CA PHE A 168 -17.38 -6.89 0.86
C PHE A 168 -17.38 -5.36 0.88
N LYS A 169 -18.47 -4.78 1.37
CA LYS A 169 -18.49 -3.37 1.68
C LYS A 169 -18.01 -3.19 3.12
N TYR A 170 -16.88 -2.52 3.29
CA TYR A 170 -16.26 -2.42 4.60
C TYR A 170 -16.36 -1.02 5.16
N CYS A 171 -17.09 -0.87 6.27
CA CYS A 171 -17.13 0.39 6.98
C CYS A 171 -16.11 0.37 8.12
N ILE A 172 -15.96 1.52 8.78
CA ILE A 172 -14.98 1.67 9.85
C ILE A 172 -15.17 0.66 10.96
N ASN A 173 -16.43 0.38 11.30
CA ASN A 173 -16.76 -0.52 12.40
C ASN A 173 -16.33 -1.96 12.13
N ASP A 174 -16.24 -2.33 10.86
CA ASP A 174 -15.80 -3.67 10.48
C ASP A 174 -14.35 -3.90 10.89
N VAL A 175 -13.53 -2.87 10.69
CA VAL A 175 -12.12 -2.95 11.04
C VAL A 175 -11.96 -2.97 12.56
N THR A 176 -12.90 -2.35 13.25
CA THR A 176 -12.93 -2.39 14.72
C THR A 176 -13.06 -3.84 15.18
N LYS A 177 -13.81 -4.63 14.42
CA LYS A 177 -13.99 -6.05 14.72
C LYS A 177 -12.82 -6.87 14.19
N ALA A 178 -11.70 -6.22 13.92
CA ALA A 178 -10.49 -6.91 13.48
C ALA A 178 -9.35 -6.68 14.47
N GLY A 179 -9.66 -5.96 15.56
CA GLY A 179 -8.69 -5.74 16.61
C GLY A 179 -8.07 -4.36 16.60
N HIS A 180 -8.63 -3.45 15.79
CA HIS A 180 -8.09 -2.11 15.69
C HIS A 180 -9.02 -1.07 16.30
N THR A 181 -8.47 0.11 16.59
CA THR A 181 -9.22 1.15 17.29
C THR A 181 -9.33 2.45 16.48
N LEU A 182 -10.04 3.42 17.04
CA LEU A 182 -10.27 4.69 16.37
C LEU A 182 -9.01 5.53 16.29
N GLU A 183 -8.01 5.19 17.10
CA GLU A 183 -6.74 5.91 17.08
C GLU A 183 -6.02 5.67 15.76
N LEU A 184 -6.35 4.56 15.11
CA LEU A 184 -5.82 4.26 13.79
C LEU A 184 -6.84 4.62 12.70
N LEU A 185 -8.10 4.28 12.96
CA LEU A 185 -9.13 4.30 11.93
C LEU A 185 -9.61 5.71 11.56
N GLU A 186 -9.59 6.65 12.51
CA GLU A 186 -10.08 7.98 12.18
C GLU A 186 -9.02 8.80 11.41
N PRO A 187 -7.72 8.61 11.69
CA PRO A 187 -6.81 9.28 10.75
C PRO A 187 -6.74 8.54 9.42
N LEU A 188 -7.07 7.25 9.44
CA LEU A 188 -7.11 6.42 8.25
C LEU A 188 -8.14 6.95 7.26
N VAL A 189 -9.39 7.05 7.72
CA VAL A 189 -10.47 7.58 6.90
C VAL A 189 -10.20 9.03 6.53
N LYS A 190 -9.64 9.78 7.48
CA LYS A 190 -9.23 11.16 7.24
C LYS A 190 -8.25 11.24 6.08
N PHE A 191 -7.32 10.28 6.05
CA PHE A 191 -6.33 10.18 4.99
C PHE A 191 -6.99 9.83 3.66
N GLN A 192 -7.91 8.86 3.69
CA GLN A 192 -8.58 8.39 2.48
C GLN A 192 -9.42 9.48 1.82
N VAL A 193 -10.05 10.32 2.63
CA VAL A 193 -10.88 11.41 2.12
C VAL A 193 -10.04 12.47 1.40
N GLY A 194 -8.95 12.87 2.03
CA GLY A 194 -8.05 13.85 1.46
C GLY A 194 -7.40 13.35 0.17
N LEU A 195 -7.02 12.08 0.15
CA LEU A 195 -6.40 11.48 -1.02
C LEU A 195 -7.39 11.39 -2.18
N LYS A 196 -8.62 10.98 -1.86
CA LYS A 196 -9.67 10.88 -2.86
C LYS A 196 -10.03 12.24 -3.42
N LYS A 197 -9.94 13.27 -2.58
CA LYS A 197 -10.27 14.63 -2.98
C LYS A 197 -9.23 15.23 -3.92
N LEU A 198 -8.07 14.59 -4.02
CA LEU A 198 -7.04 15.04 -4.94
C LEU A 198 -7.39 14.64 -6.37
N LYS A 199 -8.22 13.61 -6.50
CA LYS A 199 -8.64 13.09 -7.80
C LYS A 199 -7.43 12.80 -8.69
N LEU A 200 -6.51 11.98 -8.19
CA LEU A 200 -5.28 11.66 -8.89
C LEU A 200 -5.52 10.98 -10.23
N HIS A 201 -4.61 11.20 -11.18
CA HIS A 201 -4.59 10.42 -12.40
C HIS A 201 -4.08 9.03 -12.07
N GLU A 202 -4.31 8.07 -12.96
CA GLU A 202 -3.83 6.72 -12.77
C GLU A 202 -2.31 6.71 -12.75
N GLU A 203 -1.71 7.63 -13.48
CA GLU A 203 -0.27 7.78 -13.53
C GLU A 203 0.28 8.29 -12.20
N GLU A 204 -0.45 9.23 -11.59
CA GLU A 204 -0.04 9.83 -10.33
C GLU A 204 -0.24 8.87 -9.17
N HIS A 205 -1.35 8.12 -9.20
CA HIS A 205 -1.64 7.12 -8.18
C HIS A 205 -0.57 6.03 -8.18
N VAL A 206 -0.17 5.62 -9.38
CA VAL A 206 0.79 4.52 -9.52
C VAL A 206 2.22 4.98 -9.21
N LEU A 207 2.50 6.26 -9.46
CA LEU A 207 3.82 6.80 -9.17
C LEU A 207 3.99 6.94 -7.66
N LEU A 208 2.94 7.43 -7.01
CA LEU A 208 2.95 7.65 -5.57
C LEU A 208 3.26 6.37 -4.79
N MET A 209 2.66 5.25 -5.22
CA MET A 209 2.90 3.96 -4.58
C MET A 209 4.36 3.53 -4.76
N ALA A 210 4.91 3.83 -5.93
CA ALA A 210 6.30 3.49 -6.24
C ALA A 210 7.26 4.43 -5.51
N ILE A 211 6.86 5.68 -5.34
CA ILE A 211 7.62 6.63 -4.53
C ILE A 211 7.75 6.08 -3.11
N CYS A 212 6.59 5.74 -2.54
CA CYS A 212 6.49 5.22 -1.19
C CYS A 212 7.31 3.95 -1.00
N LEU A 213 7.22 3.04 -1.98
CA LEU A 213 7.93 1.77 -1.92
C LEU A 213 9.44 1.99 -1.81
N LEU A 214 9.95 2.96 -2.56
CA LEU A 214 11.39 3.18 -2.64
C LEU A 214 11.88 4.26 -1.68
N SER A 215 11.18 4.44 -0.57
CA SER A 215 11.64 5.38 0.46
C SER A 215 12.88 4.83 1.15
N PRO A 216 13.93 5.66 1.24
CA PRO A 216 15.21 5.22 1.81
C PRO A 216 15.26 5.29 3.34
N ASP A 217 14.31 5.98 3.97
CA ASP A 217 14.29 6.08 5.42
C ASP A 217 13.42 5.00 6.05
N ARG A 218 13.80 3.74 5.81
CA ARG A 218 13.11 2.61 6.42
C ARG A 218 14.09 1.85 7.31
N PRO A 219 13.58 1.20 8.36
CA PRO A 219 14.46 0.35 9.16
C PRO A 219 14.96 -0.83 8.34
N GLY A 220 16.26 -1.08 8.37
CA GLY A 220 16.83 -2.25 7.74
C GLY A 220 17.50 -2.04 6.39
N VAL A 221 17.19 -0.94 5.72
CA VAL A 221 17.77 -0.68 4.40
C VAL A 221 19.29 -0.45 4.51
N GLN A 222 20.01 -0.91 3.48
CA GLN A 222 21.46 -0.82 3.48
C GLN A 222 21.96 0.20 2.47
N ASP A 223 21.63 -0.02 1.20
CA ASP A 223 22.08 0.85 0.12
C ASP A 223 21.16 2.06 0.00
N HIS A 224 21.18 2.92 1.02
CA HIS A 224 20.32 4.10 1.07
C HIS A 224 20.64 5.14 -0.01
N VAL A 225 21.75 4.95 -0.72
CA VAL A 225 22.13 5.85 -1.81
C VAL A 225 21.47 5.44 -3.11
N ARG A 226 21.45 4.14 -3.37
CA ARG A 226 20.88 3.60 -4.58
C ARG A 226 19.35 3.66 -4.54
N ILE A 227 18.78 3.52 -3.35
CA ILE A 227 17.34 3.56 -3.18
C ILE A 227 16.83 5.00 -3.25
N GLU A 228 17.61 5.93 -2.70
CA GLU A 228 17.27 7.35 -2.79
C GLU A 228 17.36 7.82 -4.24
N ALA A 229 18.23 7.18 -5.01
CA ALA A 229 18.42 7.54 -6.41
C ALA A 229 17.24 7.12 -7.26
N LEU A 230 16.77 5.89 -7.06
CA LEU A 230 15.61 5.38 -7.78
C LEU A 230 14.37 6.19 -7.45
N GLN A 231 14.21 6.51 -6.16
CA GLN A 231 13.07 7.30 -5.71
C GLN A 231 13.10 8.70 -6.30
N ASP A 232 14.29 9.28 -6.40
CA ASP A 232 14.45 10.62 -6.95
C ASP A 232 14.10 10.66 -8.44
N ARG A 233 14.49 9.62 -9.17
CA ARG A 233 14.17 9.52 -10.58
C ARG A 233 12.66 9.37 -10.76
N LEU A 234 12.04 8.60 -9.88
CA LEU A 234 10.58 8.44 -9.86
C LEU A 234 9.88 9.75 -9.54
N CYS A 235 10.43 10.50 -8.59
CA CYS A 235 9.87 11.81 -8.21
C CYS A 235 9.97 12.80 -9.36
N ASP A 236 11.06 12.74 -10.10
CA ASP A 236 11.26 13.59 -11.28
C ASP A 236 10.15 13.33 -12.29
N VAL A 237 9.82 12.07 -12.50
CA VAL A 237 8.76 11.67 -13.40
C VAL A 237 7.42 12.29 -12.96
N LEU A 238 7.15 12.21 -11.67
CA LEU A 238 5.91 12.74 -11.11
C LEU A 238 5.79 14.25 -11.27
N GLN A 239 6.81 14.97 -10.84
CA GLN A 239 6.85 16.43 -10.98
C GLN A 239 6.58 16.85 -12.41
N ALA A 240 7.23 16.15 -13.33
CA ALA A 240 7.08 16.43 -14.75
C ALA A 240 5.68 16.09 -15.24
N TYR A 241 5.11 14.99 -14.77
CA TYR A 241 3.79 14.59 -15.23
C TYR A 241 2.72 15.62 -14.85
N ILE A 242 2.76 16.05 -13.59
CA ILE A 242 1.79 17.01 -13.08
C ILE A 242 1.86 18.34 -13.83
N ARG A 243 3.09 18.80 -14.05
CA ARG A 243 3.33 20.04 -14.77
C ARG A 243 2.79 20.00 -16.19
N ILE A 244 3.07 18.91 -16.90
CA ILE A 244 2.75 18.83 -18.32
C ILE A 244 1.34 18.31 -18.59
N GLN A 245 0.92 17.29 -17.85
CA GLN A 245 -0.31 16.57 -18.19
C GLN A 245 -1.46 16.75 -17.19
N HIS A 246 -1.26 17.54 -16.15
CA HIS A 246 -2.33 17.78 -15.19
C HIS A 246 -2.64 19.27 -15.07
N PRO A 247 -3.73 19.70 -15.73
CA PRO A 247 -4.17 21.09 -15.65
C PRO A 247 -4.61 21.45 -14.23
N GLY A 248 -4.20 22.61 -13.74
CA GLY A 248 -4.56 23.06 -12.41
C GLY A 248 -3.92 22.22 -11.32
N GLY A 249 -2.81 21.58 -11.64
CA GLY A 249 -2.07 20.79 -10.67
C GLY A 249 -0.91 21.57 -10.09
N ARG A 250 -1.08 22.89 -10.05
CA ARG A 250 -0.02 23.80 -9.62
C ARG A 250 0.54 23.48 -8.24
N LEU A 251 -0.28 22.84 -7.39
CA LEU A 251 0.11 22.56 -6.01
C LEU A 251 0.04 21.07 -5.67
N LEU A 252 -0.39 20.25 -6.62
CA LEU A 252 -0.68 18.84 -6.35
C LEU A 252 0.52 18.05 -5.84
N TYR A 253 1.69 18.29 -6.42
CA TYR A 253 2.89 17.54 -6.04
C TYR A 253 3.22 17.70 -4.57
N ALA A 254 3.07 18.91 -4.05
CA ALA A 254 3.33 19.19 -2.64
C ALA A 254 2.36 18.41 -1.76
N LYS A 255 1.09 18.43 -2.14
CA LYS A 255 0.05 17.72 -1.39
C LYS A 255 0.32 16.23 -1.35
N MET A 256 0.83 15.68 -2.45
CA MET A 256 1.11 14.26 -2.55
C MET A 256 2.26 13.84 -1.64
N ILE A 257 3.31 14.64 -1.61
CA ILE A 257 4.46 14.37 -0.75
C ILE A 257 4.04 14.39 0.71
N GLN A 258 3.12 15.29 1.04
CA GLN A 258 2.57 15.37 2.39
C GLN A 258 1.82 14.09 2.75
N LYS A 259 1.16 13.50 1.76
CA LYS A 259 0.40 12.27 1.97
C LYS A 259 1.32 11.10 2.36
N LEU A 260 2.59 11.19 1.97
CA LEU A 260 3.56 10.18 2.36
C LEU A 260 3.87 10.28 3.85
N ALA A 261 3.94 11.51 4.35
CA ALA A 261 4.20 11.76 5.76
C ALA A 261 3.07 11.24 6.62
N ASP A 262 1.83 11.40 6.13
CA ASP A 262 0.66 10.91 6.84
C ASP A 262 0.71 9.39 6.98
N LEU A 263 1.18 8.73 5.92
CA LEU A 263 1.28 7.28 5.92
C LEU A 263 2.25 6.77 6.98
N ARG A 264 3.31 7.54 7.23
CA ARG A 264 4.31 7.17 8.23
C ARG A 264 3.70 7.06 9.62
N SER A 265 2.86 8.01 9.98
CA SER A 265 2.21 8.01 11.28
C SER A 265 1.05 7.02 11.32
N LEU A 266 0.47 6.75 10.16
CA LEU A 266 -0.54 5.70 10.05
C LEU A 266 0.13 4.33 10.21
N ASN A 267 1.30 4.20 9.59
CA ASN A 267 2.10 2.98 9.70
C ASN A 267 2.45 2.69 11.15
N GLU A 268 2.89 3.73 11.85
CA GLU A 268 3.30 3.60 13.24
C GLU A 268 2.16 3.13 14.11
N GLU A 269 0.99 3.76 13.95
CA GLU A 269 -0.16 3.44 14.78
C GLU A 269 -0.66 2.02 14.52
N HIS A 270 -0.65 1.59 13.26
CA HIS A 270 -1.04 0.23 12.93
C HIS A 270 -0.06 -0.78 13.55
N SER A 271 1.23 -0.49 13.44
CA SER A 271 2.27 -1.36 13.95
C SER A 271 2.13 -1.56 15.46
N LYS A 272 1.64 -0.54 16.16
CA LYS A 272 1.40 -0.65 17.60
C LYS A 272 0.23 -1.59 17.88
N GLN A 273 -0.87 -1.40 17.17
CA GLN A 273 -2.07 -2.20 17.40
C GLN A 273 -1.90 -3.63 16.90
N TYR A 274 -1.13 -3.80 15.82
CA TYR A 274 -0.82 -5.14 15.33
C TYR A 274 0.05 -5.88 16.32
N ARG A 275 1.02 -5.18 16.91
CA ARG A 275 1.92 -5.79 17.88
C ARG A 275 1.12 -6.29 19.08
N SER A 276 0.09 -5.54 19.44
CA SER A 276 -0.86 -5.98 20.47
C SER A 276 -1.55 -7.26 20.06
N LEU A 277 -2.02 -7.27 18.81
CA LEU A 277 -2.74 -8.40 18.25
C LEU A 277 -1.87 -9.64 18.16
N SER A 278 -0.63 -9.47 17.70
CA SER A 278 0.25 -10.59 17.43
C SER A 278 0.81 -11.24 18.69
N PHE A 279 0.74 -10.53 19.82
CA PHE A 279 1.26 -11.06 21.07
C PHE A 279 0.26 -11.98 21.76
N GLN A 280 -0.99 -11.90 21.35
CA GLN A 280 -2.04 -12.77 21.87
C GLN A 280 -2.26 -13.94 20.91
N PRO A 281 -1.89 -15.15 21.35
CA PRO A 281 -1.93 -16.36 20.51
C PRO A 281 -3.30 -16.66 19.93
N GLU A 282 -4.37 -16.42 20.69
CA GLU A 282 -5.72 -16.69 20.22
C GLU A 282 -6.10 -15.80 19.05
N HIS A 283 -5.37 -14.71 18.87
CA HIS A 283 -5.60 -13.79 17.77
C HIS A 283 -4.59 -14.00 16.66
N SER A 284 -3.33 -14.21 17.02
CA SER A 284 -2.27 -14.39 16.05
C SER A 284 -2.47 -15.67 15.23
N MET A 285 -3.22 -16.61 15.78
CA MET A 285 -3.50 -17.86 15.09
C MET A 285 -4.53 -17.68 13.98
N GLN A 286 -5.14 -16.50 13.93
CA GLN A 286 -6.14 -16.19 12.92
C GLN A 286 -5.53 -15.45 11.75
N LEU A 287 -4.26 -15.09 11.90
CA LEU A 287 -3.52 -14.44 10.82
C LEU A 287 -3.05 -15.47 9.80
N THR A 288 -2.30 -15.00 8.80
CA THR A 288 -1.71 -15.90 7.82
C THR A 288 -0.19 -15.87 7.96
N PRO A 289 0.48 -16.97 7.55
CA PRO A 289 1.95 -17.02 7.55
C PRO A 289 2.59 -15.79 6.89
N LEU A 290 2.05 -15.35 5.76
CA LEU A 290 2.60 -14.19 5.07
C LEU A 290 2.48 -12.91 5.88
N VAL A 291 1.31 -12.67 6.46
CA VAL A 291 1.08 -11.50 7.29
C VAL A 291 2.03 -11.49 8.48
N LEU A 292 2.12 -12.62 9.16
CA LEU A 292 3.00 -12.79 10.31
C LEU A 292 4.46 -12.51 9.96
N GLU A 293 4.86 -12.93 8.76
CA GLU A 293 6.24 -12.77 8.32
C GLU A 293 6.55 -11.32 7.95
N VAL A 294 5.65 -10.68 7.22
CA VAL A 294 5.87 -9.33 6.71
C VAL A 294 5.76 -8.28 7.82
N PHE A 295 4.80 -8.46 8.72
CA PHE A 295 4.60 -7.49 9.80
C PHE A 295 5.37 -7.90 11.05
N GLY A 296 6.02 -9.06 11.00
CA GLY A 296 6.77 -9.57 12.13
C GLY A 296 8.14 -8.94 12.29
N SER A 297 8.74 -9.11 13.47
CA SER A 297 9.94 -8.36 13.84
C SER A 297 11.26 -9.09 13.57
N GLU A 298 11.21 -10.21 12.86
CA GLU A 298 12.42 -10.97 12.56
C GLU A 298 13.31 -10.23 11.56
N VAL A 299 14.62 -10.46 11.65
CA VAL A 299 15.56 -9.79 10.75
C VAL A 299 16.18 -10.76 9.76
N HIS B 2 12.51 -15.14 6.69
CA HIS B 2 11.66 -14.61 5.62
C HIS B 2 11.56 -15.56 4.42
N LYS B 3 11.21 -16.81 4.69
CA LYS B 3 11.13 -17.82 3.63
C LYS B 3 10.09 -17.48 2.56
N ILE B 4 8.90 -17.09 3.01
CA ILE B 4 7.80 -16.77 2.09
C ILE B 4 8.17 -15.64 1.15
N LEU B 5 8.51 -14.49 1.72
CA LEU B 5 8.88 -13.30 0.97
C LEU B 5 9.96 -13.57 -0.06
N HIS B 6 10.95 -14.36 0.34
CA HIS B 6 12.07 -14.70 -0.54
C HIS B 6 11.59 -15.46 -1.77
N ARG B 7 10.68 -16.41 -1.54
CA ARG B 7 10.13 -17.21 -2.63
C ARG B 7 9.28 -16.36 -3.56
N LEU B 8 8.46 -15.49 -2.98
CA LEU B 8 7.56 -14.63 -3.74
C LEU B 8 8.33 -13.64 -4.60
N LEU B 9 9.49 -13.22 -4.13
CA LEU B 9 10.37 -12.35 -4.89
C LEU B 9 11.24 -13.17 -5.86
N GLN B 10 10.80 -14.40 -6.11
CA GLN B 10 11.50 -15.37 -6.96
C GLN B 10 12.85 -15.76 -6.39
#